data_6HAJ
#
_entry.id   6HAJ
#
_cell.length_a   24.300
_cell.length_b   24.300
_cell.length_c   313.690
_cell.angle_alpha   90.00
_cell.angle_beta   90.00
_cell.angle_gamma   120.00
#
_symmetry.space_group_name_H-M   'P 61'
#
loop_
_entity.id
_entity.type
_entity.pdbx_description
1 polymer 'Pc24g00380 protein'
2 non-polymer 2-(2-(2-(2-(2-(2-ETHOXYETHOXY)ETHOXY)ETHOXY)ETHOXY)ETHOXY)ETHANOL
3 non-polymer sulfonato-calix[8]arene
4 water water
#
_entity_poly.entity_id   1
_entity_poly.type   'polypeptide(L)'
_entity_poly.pdbx_seq_one_letter_code
;AKYTGKCTKSKNECKYKNDAGKDTFIKCPKFDNKKCTKDNNKCTVDTYNNAVDCD
;
_entity_poly.pdbx_strand_id   A,B
#
loop_
_chem_comp.id
_chem_comp.type
_chem_comp.name
_chem_comp.formula
7PE non-polymer 2-(2-(2-(2-(2-(2-ETHOXYETHOXY)ETHOXY)ETHOXY)ETHOXY)ETHOXY)ETHANOL 'C14 H30 O7'
EVB non-polymer sulfonato-calix[8]arene 'C56 H48 O32 S8'
#
# COMPACT_ATOMS: atom_id res chain seq x y z
N ALA A 1 -3.68 12.32 21.93
CA ALA A 1 -5.02 11.91 22.36
C ALA A 1 -5.52 10.79 21.46
N LYS A 2 -6.56 10.07 21.89
CA LYS A 2 -7.18 9.05 21.07
C LYS A 2 -8.60 9.48 20.74
N TYR A 3 -8.93 9.54 19.45
CA TYR A 3 -10.27 9.91 19.02
C TYR A 3 -10.87 8.73 18.30
N THR A 4 -12.21 8.64 18.27
CA THR A 4 -12.85 7.64 17.44
C THR A 4 -13.63 8.39 16.37
N GLY A 5 -13.59 7.89 15.13
CA GLY A 5 -14.28 8.55 14.02
C GLY A 5 -14.98 7.51 13.16
N LYS A 6 -15.27 7.86 11.92
CA LYS A 6 -15.89 6.90 10.98
C LYS A 6 -15.11 7.01 9.69
N CYS A 7 -14.89 5.90 8.97
CA CYS A 7 -14.12 5.98 7.72
C CYS A 7 -15.00 5.78 6.49
N THR A 8 -14.52 6.23 5.32
CA THR A 8 -15.16 5.97 4.04
C THR A 8 -14.22 5.10 3.22
N LYS A 9 -14.78 4.11 2.53
CA LYS A 9 -14.01 3.06 1.88
C LYS A 9 -13.22 3.56 0.67
N SER A 10 -13.91 4.15 -0.32
CA SER A 10 -13.29 4.63 -1.56
C SER A 10 -12.13 5.57 -1.28
N LYS A 11 -12.36 6.62 -0.46
CA LYS A 11 -11.31 7.58 -0.12
C LYS A 11 -10.35 7.01 0.93
N ASN A 12 -10.78 5.95 1.65
CA ASN A 12 -9.93 5.27 2.65
C ASN A 12 -9.42 6.31 3.60
N GLU A 13 -10.37 7.06 4.20
CA GLU A 13 -10.04 8.14 5.10
C GLU A 13 -10.89 8.04 6.35
N CYS A 14 -10.30 8.42 7.51
CA CYS A 14 -11.01 8.46 8.79
C CYS A 14 -11.42 9.90 9.03
N LYS A 15 -12.69 10.14 9.42
CA LYS A 15 -13.13 11.49 9.77
C LYS A 15 -13.50 11.48 11.22
N TYR A 16 -12.88 12.35 12.05
CA TYR A 16 -13.27 12.40 13.45
C TYR A 16 -13.49 13.85 13.85
N LYS A 17 -14.19 14.05 14.95
CA LYS A 17 -14.38 15.39 15.48
C LYS A 17 -13.35 15.64 16.56
N ASN A 18 -12.62 16.75 16.47
CA ASN A 18 -11.67 17.06 17.53
C ASN A 18 -12.41 17.70 18.70
N ASP A 19 -11.71 18.13 19.77
CA ASP A 19 -12.41 18.66 20.94
C ASP A 19 -13.06 20.03 20.74
N ALA A 20 -12.66 20.75 19.69
CA ALA A 20 -13.32 22.01 19.34
C ALA A 20 -14.63 21.72 18.52
N GLY A 21 -14.81 20.46 18.11
CA GLY A 21 -15.97 20.05 17.31
C GLY A 21 -15.67 20.11 15.83
N LYS A 22 -14.40 20.25 15.45
CA LYS A 22 -14.03 20.30 14.04
C LYS A 22 -13.81 18.92 13.44
N ASP A 23 -14.49 18.63 12.32
CA ASP A 23 -14.22 17.41 11.56
C ASP A 23 -12.79 17.48 11.02
N THR A 24 -12.03 16.39 11.23
CA THR A 24 -10.65 16.32 10.83
C THR A 24 -10.46 15.02 10.08
N PHE A 25 -9.62 15.04 9.04
CA PHE A 25 -9.46 13.88 8.19
C PHE A 25 -8.05 13.34 8.28
N ILE A 26 -7.94 12.02 8.28
CA ILE A 26 -6.61 11.40 8.30
C ILE A 26 -6.71 10.11 7.52
N LYS A 27 -5.84 9.95 6.54
CA LYS A 27 -5.92 8.78 5.68
C LYS A 27 -5.64 7.49 6.46
N CYS A 28 -6.44 6.44 6.18
CA CYS A 28 -6.17 5.10 6.70
C CYS A 28 -4.93 4.57 5.99
N PRO A 29 -4.27 3.58 6.59
CA PRO A 29 -3.21 2.87 5.84
C PRO A 29 -3.79 2.08 4.67
N LYS A 30 -3.01 1.91 3.57
CA LYS A 30 -3.60 1.38 2.33
C LYS A 30 -3.62 -0.12 2.18
N PHE A 31 -2.68 -0.78 2.80
CA PHE A 31 -2.44 -2.18 2.51
C PHE A 31 -2.93 -3.01 3.69
N ASP A 32 -3.92 -3.91 3.41
CA ASP A 32 -4.52 -4.85 4.37
C ASP A 32 -5.10 -4.16 5.63
N ASN A 33 -5.12 -4.88 6.78
CA ASN A 33 -5.61 -4.33 8.04
C ASN A 33 -5.13 -2.89 8.29
N LYS A 34 -5.97 -2.14 8.97
CA LYS A 34 -5.85 -0.70 9.18
C LYS A 34 -6.50 0.09 8.04
N LYS A 35 -6.74 -0.52 6.86
CA LYS A 35 -7.54 0.15 5.80
C LYS A 35 -9.08 0.10 6.07
N CYS A 36 -9.84 1.06 5.52
CA CYS A 36 -11.30 1.12 5.75
C CYS A 36 -11.97 0.03 4.91
N THR A 37 -12.81 -0.84 5.51
CA THR A 37 -13.39 -1.92 4.73
C THR A 37 -14.85 -1.66 4.35
N LYS A 38 -15.45 -0.59 4.90
CA LYS A 38 -16.84 -0.27 4.59
C LYS A 38 -17.16 1.16 5.03
N ASP A 39 -17.98 1.88 4.22
CA ASP A 39 -18.37 3.24 4.62
C ASP A 39 -18.97 3.20 6.02
N ASN A 40 -18.60 4.19 6.86
CA ASN A 40 -19.12 4.40 8.20
C ASN A 40 -18.54 3.43 9.24
N ASN A 41 -17.58 2.61 8.86
CA ASN A 41 -16.93 1.80 9.89
C ASN A 41 -16.19 2.71 10.87
N LYS A 42 -15.88 2.15 12.04
CA LYS A 42 -15.18 2.90 13.07
CA LYS A 42 -15.18 2.88 13.09
C LYS A 42 -13.72 3.02 12.70
N CYS A 43 -13.07 4.07 13.20
CA CYS A 43 -11.63 4.23 13.05
C CYS A 43 -11.12 4.95 14.28
N THR A 44 -9.88 4.63 14.70
CA THR A 44 -9.36 5.21 15.94
C THR A 44 -8.11 5.99 15.56
N VAL A 45 -8.06 7.26 15.95
CA VAL A 45 -6.94 8.14 15.63
C VAL A 45 -6.13 8.40 16.90
N ASP A 46 -4.81 8.35 16.78
CA ASP A 46 -3.89 8.72 17.87
C ASP A 46 -3.18 10.00 17.42
N THR A 47 -3.64 11.17 17.88
CA THR A 47 -3.13 12.44 17.37
C THR A 47 -1.71 12.72 17.94
N TYR A 48 -1.31 12.03 19.03
CA TYR A 48 0.06 12.20 19.53
C TYR A 48 1.06 11.65 18.51
N ASN A 49 0.70 10.50 17.88
CA ASN A 49 1.58 9.80 16.94
C ASN A 49 1.13 9.94 15.49
N ASN A 50 0.04 10.68 15.24
CA ASN A 50 -0.42 10.94 13.88
C ASN A 50 -0.67 9.60 13.21
N ALA A 51 -1.33 8.67 13.94
CA ALA A 51 -1.57 7.30 13.45
C ALA A 51 -3.05 6.96 13.48
N VAL A 52 -3.53 6.18 12.50
CA VAL A 52 -4.95 5.81 12.52
C VAL A 52 -5.07 4.34 12.18
N ASP A 53 -6.10 3.73 12.77
CA ASP A 53 -6.41 2.34 12.54
C ASP A 53 -7.89 2.29 12.10
N CYS A 54 -8.16 1.84 10.87
CA CYS A 54 -9.53 1.79 10.35
C CYS A 54 -10.01 0.38 10.27
N ASP A 55 -11.31 0.18 10.55
CA ASP A 55 -11.93 -1.15 10.55
C ASP A 55 -12.42 -1.51 9.14
N ALA B 1 10.94 -1.03 -23.14
CA ALA B 1 11.11 -2.46 -23.40
C ALA B 1 10.38 -3.26 -22.32
N LYS B 2 10.13 -4.55 -22.58
CA LYS B 2 9.52 -5.42 -21.60
C LYS B 2 10.53 -6.49 -21.21
N TYR B 3 10.83 -6.60 -19.91
CA TYR B 3 11.76 -7.60 -19.43
C TYR B 3 10.99 -8.56 -18.52
N THR B 4 11.47 -9.79 -18.38
CA THR B 4 10.88 -10.69 -17.41
C THR B 4 11.96 -10.96 -16.39
N GLY B 5 11.58 -10.96 -15.09
CA GLY B 5 12.55 -11.21 -14.03
C GLY B 5 11.96 -12.16 -13.01
N LYS B 6 12.50 -12.13 -11.78
CA LYS B 6 11.98 -12.96 -10.69
C LYS B 6 11.85 -12.05 -9.49
N CYS B 7 10.81 -12.22 -8.65
CA CYS B 7 10.66 -11.33 -7.49
C CYS B 7 10.92 -12.07 -6.18
N THR B 8 11.24 -11.30 -5.13
CA THR B 8 11.37 -11.84 -3.77
C THR B 8 10.24 -11.24 -2.93
N LYS B 9 9.62 -12.07 -2.08
CA LYS B 9 8.41 -11.73 -1.37
C LYS B 9 8.66 -10.67 -0.27
N SER B 10 9.58 -10.96 0.69
CA SER B 10 9.86 -10.05 1.80
CA SER B 10 9.90 -10.05 1.80
C SER B 10 10.20 -8.64 1.31
N LYS B 11 11.18 -8.51 0.40
CA LYS B 11 11.59 -7.22 -0.14
C LYS B 11 10.58 -6.71 -1.19
N ASN B 12 9.72 -7.61 -1.71
CA ASN B 12 8.70 -7.21 -2.68
C ASN B 12 9.36 -6.44 -3.80
N GLU B 13 10.37 -7.08 -4.42
CA GLU B 13 11.14 -6.45 -5.48
C GLU B 13 11.30 -7.41 -6.62
N CYS B 14 11.31 -6.87 -7.87
CA CYS B 14 11.53 -7.64 -9.10
C CYS B 14 12.98 -7.47 -9.48
N LYS B 15 13.71 -8.57 -9.80
CA LYS B 15 15.08 -8.46 -10.27
C LYS B 15 15.12 -8.99 -11.68
N TYR B 16 15.57 -8.18 -12.65
CA TYR B 16 15.70 -8.68 -14.01
C TYR B 16 17.05 -8.34 -14.57
N LYS B 17 17.46 -9.03 -15.63
CA LYS B 17 18.73 -8.72 -16.27
C LYS B 17 18.45 -7.82 -17.46
N ASN B 18 19.13 -6.66 -17.56
CA ASN B 18 18.93 -5.80 -18.71
C ASN B 18 19.73 -6.35 -19.91
N ASP B 19 19.74 -5.67 -21.06
CA ASP B 19 20.42 -6.22 -22.24
C ASP B 19 21.96 -6.23 -22.14
N ALA B 20 22.52 -5.45 -21.22
CA ALA B 20 23.96 -5.51 -20.96
C ALA B 20 24.29 -6.73 -20.02
N GLY B 21 23.27 -7.34 -19.45
CA GLY B 21 23.44 -8.46 -18.53
C GLY B 21 23.46 -8.00 -17.09
N LYS B 22 23.09 -6.74 -16.82
CA LYS B 22 23.12 -6.22 -15.45
C LYS B 22 21.81 -6.49 -14.72
N ASP B 23 21.88 -7.08 -13.50
CA ASP B 23 20.73 -7.27 -12.63
C ASP B 23 20.23 -5.90 -12.20
N THR B 24 18.95 -5.67 -12.39
CA THR B 24 18.34 -4.39 -12.10
C THR B 24 17.16 -4.67 -11.21
N PHE B 25 16.90 -3.76 -10.25
CA PHE B 25 15.84 -3.98 -9.27
C PHE B 25 14.77 -2.93 -9.39
N ILE B 26 13.52 -3.36 -9.24
CA ILE B 26 12.41 -2.42 -9.29
C ILE B 26 11.34 -2.93 -8.36
N LYS B 27 10.91 -2.09 -7.43
CA LYS B 27 9.94 -2.53 -6.43
C LYS B 27 8.62 -2.89 -7.06
N CYS B 28 7.99 -3.98 -6.56
CA CYS B 28 6.66 -4.35 -6.99
C CYS B 28 5.70 -3.37 -6.33
N PRO B 29 4.50 -3.24 -6.88
CA PRO B 29 3.48 -2.47 -6.15
C PRO B 29 3.07 -3.17 -4.86
N LYS B 30 2.66 -2.40 -3.83
CA LYS B 30 2.44 -3.00 -2.50
C LYS B 30 1.07 -3.63 -2.29
N PHE B 31 0.12 -3.38 -3.19
CA PHE B 31 -1.27 -3.79 -2.99
C PHE B 31 -1.44 -5.32 -3.00
N ASP B 32 -1.89 -5.93 -4.11
CA ASP B 32 -2.17 -7.38 -4.10
C ASP B 32 -2.04 -8.01 -5.49
N ASN B 33 -2.71 -7.42 -6.48
CA ASN B 33 -2.70 -7.93 -7.85
C ASN B 33 -1.30 -7.84 -8.47
N LYS B 34 -0.47 -6.88 -8.02
CA LYS B 34 0.86 -6.69 -8.59
C LYS B 34 2.00 -6.87 -7.56
N LYS B 35 1.68 -7.22 -6.30
CA LYS B 35 2.74 -7.53 -5.31
C LYS B 35 3.33 -8.97 -5.47
N CYS B 36 4.59 -9.17 -5.05
CA CYS B 36 5.24 -10.51 -5.16
C CYS B 36 4.58 -11.44 -4.17
N THR B 37 4.11 -12.64 -4.59
CA THR B 37 3.42 -13.51 -3.63
C THR B 37 4.30 -14.70 -3.18
N LYS B 38 5.47 -14.88 -3.81
CA LYS B 38 6.36 -15.98 -3.43
C LYS B 38 7.76 -15.74 -4.01
N ASP B 39 8.81 -16.06 -3.24
CA ASP B 39 10.17 -15.91 -3.76
C ASP B 39 10.28 -16.64 -5.09
N ASN B 40 10.97 -16.00 -6.07
CA ASN B 40 11.28 -16.56 -7.39
C ASN B 40 10.08 -16.57 -8.32
N ASN B 41 8.96 -15.96 -7.93
CA ASN B 41 7.88 -15.83 -8.91
C ASN B 41 8.30 -14.91 -10.05
N LYS B 42 7.60 -15.01 -11.17
CA LYS B 42 7.89 -14.19 -12.33
C LYS B 42 7.42 -12.77 -12.09
N CYS B 43 8.08 -11.80 -12.74
CA CYS B 43 7.63 -10.43 -12.73
C CYS B 43 7.97 -9.82 -14.07
N THR B 44 7.14 -8.86 -14.55
CA THR B 44 7.35 -8.31 -15.89
C THR B 44 7.56 -6.83 -15.71
N VAL B 45 8.68 -6.31 -16.24
CA VAL B 45 9.03 -4.90 -16.12
C VAL B 45 8.83 -4.21 -17.49
N ASP B 46 8.23 -3.03 -17.48
CA ASP B 46 8.10 -2.19 -18.66
C ASP B 46 9.01 -0.97 -18.42
N THR B 47 10.23 -0.97 -18.99
CA THR B 47 11.21 0.08 -18.69
C THR B 47 10.84 1.40 -19.39
N TYR B 48 9.96 1.36 -20.42
CA TYR B 48 9.50 2.60 -21.04
C TYR B 48 8.66 3.41 -20.03
N ASN B 49 7.84 2.70 -19.24
CA ASN B 49 6.90 3.32 -18.30
C ASN B 49 7.32 3.14 -16.85
N ASN B 50 8.47 2.49 -16.61
CA ASN B 50 8.99 2.35 -15.26
C ASN B 50 7.91 1.66 -14.40
N ALA B 51 7.30 0.58 -14.97
CA ALA B 51 6.20 -0.13 -14.30
C ALA B 51 6.50 -1.61 -14.17
N VAL B 52 6.06 -2.24 -13.07
CA VAL B 52 6.30 -3.67 -12.93
C VAL B 52 5.05 -4.35 -12.42
N ASP B 53 4.89 -5.59 -12.84
CA ASP B 53 3.77 -6.40 -12.41
C ASP B 53 4.38 -7.70 -11.85
N CYS B 54 4.18 -7.99 -10.54
CA CYS B 54 4.78 -9.18 -9.93
C CYS B 54 3.70 -10.19 -9.62
N ASP B 55 4.01 -11.48 -9.82
CA ASP B 55 3.08 -12.57 -9.60
C ASP B 55 3.06 -13.00 -8.11
C21 7PE C . 1.10 6.31 -7.37
C20 7PE C . 2.58 6.02 -7.38
O19 7PE C . 3.14 5.95 -6.07
C18 7PE C . 4.39 5.26 -6.12
C17 7PE C . 4.78 4.69 -4.77
O16 7PE C . 5.78 5.56 -4.25
C15 7PE C . 6.28 5.15 -2.99
C14 7PE C . 6.86 6.36 -2.29
O13 7PE C . 5.87 7.39 -2.19
C12 7PE C . 6.24 8.33 -1.20
C11 7PE C . 5.05 9.22 -0.86
O10 7PE C . 4.49 8.85 0.40
C9 7PE C . 3.10 9.20 0.43
C8 7PE C . 2.56 9.15 1.86
O7 7PE C . 2.70 7.83 2.39
C6 7PE C . 2.75 7.86 3.82
C5 7PE C . 3.08 6.49 4.37
O4 7PE C . 4.48 6.38 4.59
C3 7PE C . 4.75 5.37 5.55
C2 7PE C . 6.25 5.13 5.65
O1 7PE C . 6.55 4.54 6.92
C11 EVB D . 8.42 4.01 0.28
C12 EVB D . 7.66 2.97 -0.29
C13 EVB D . 6.27 3.02 -0.18
C14 EVB D . 8.39 1.89 -1.07
C15 EVB D . 0.73 2.37 3.95
C17 EVB D . 0.84 3.63 6.17
C18 EVB D . 0.54 4.75 6.96
C19 EVB D . -0.27 5.76 6.42
C20 EVB D . -0.75 5.71 5.12
C21 EVB D . -0.46 4.56 4.36
C22 EVB D . 8.30 2.07 -2.57
C23 EVB D . 7.36 1.35 -3.30
C1 EVB D . 4.81 2.27 2.49
C2 EVB D . 3.86 3.13 1.90
C3 EVB D . 2.54 3.17 2.38
C4 EVB D . 2.17 2.39 3.47
C5 EVB D . 3.12 1.52 4.05
C6 EVB D . 4.44 1.47 3.59
C7 EVB D . 4.19 4.05 0.73
C8 EVB D . 5.69 4.07 0.52
C9 EVB D . 6.46 5.05 1.17
C10 EVB D . 7.84 5.04 1.02
C16 EVB D . 0.39 3.57 4.84
C24 EVB D . 7.31 1.47 -4.70
C25 EVB D . 8.34 2.20 -5.33
C26 EVB D . 9.33 2.88 -4.61
C27 EVB D . 9.28 2.84 -3.21
C28 EVB D . 6.45 0.52 -5.52
C29 EVB D . -1.79 6.73 4.65
C30 EVB D . 5.06 0.96 -5.91
C31 EVB D . 3.97 0.89 -5.01
C32 EVB D . 2.69 1.15 -5.44
C33 EVB D . 2.44 1.46 -6.78
C34 EVB D . 3.52 1.56 -7.69
C35 EVB D . 4.80 1.22 -7.25
C36 EVB D . -1.38 7.82 3.68
C37 EVB D . -1.04 9.13 4.12
C38 EVB D . -0.88 10.20 3.21
C39 EVB D . -1.03 9.95 1.86
C40 EVB D . -1.39 8.69 1.41
C41 EVB D . -1.57 7.62 2.30
C42 EVB D . 1.55 1.09 -4.43
C43 EVB D . -1.68 8.49 -0.06
C44 EVB D . 0.98 2.46 -4.10
C45 EVB D . 1.60 3.27 -3.15
C46 EVB D . 1.07 4.52 -2.84
C47 EVB D . -0.18 4.89 -3.35
C48 EVB D . -0.82 4.11 -4.34
C49 EVB D . -0.22 2.89 -4.69
C50 EVB D . -0.44 8.22 -0.87
C51 EVB D . 0.16 9.24 -1.62
C52 EVB D . 1.25 9.00 -2.47
C53 EVB D . 1.79 7.70 -2.52
C54 EVB D . 1.24 6.72 -1.70
C55 EVB D . 0.11 6.93 -0.94
O1 EVB D . 2.80 2.94 -2.57
O2 EVB D . 4.16 0.58 -3.71
O3 EVB D . 6.51 0.56 -2.61
O4 EVB D . 5.46 2.06 -0.75
O5 EVB D . 1.67 4.02 1.79
O6 EVB D . -0.92 4.48 3.08
O7 EVB D . -1.99 6.42 1.79
O8 EVB D . -0.37 5.91 -0.19
S64 EVB D . -2.24 4.56 -5.00
S65 EVB D . 3.25 1.94 -9.24
S66 EVB D . 10.59 3.61 -5.33
S67 EVB D . 8.78 6.17 1.68
S68 EVB D . 5.52 0.49 4.31
S69 EVB D . 1.20 4.95 8.44
S70 EVB D . -0.64 11.73 3.72
S71 EVB D . 1.88 10.16 -3.41
C72 EVB D . 1.81 5.32 -1.77
O9 EVB D . -2.12 4.48 -6.47
O10 EVB D . -2.54 5.94 -4.57
O11 EVB D . -3.26 3.62 -4.53
O12 EVB D . 4.26 1.31 -10.11
O13 EVB D . 1.90 1.46 -9.59
O14 EVB D . 3.32 3.39 -9.47
O15 EVB D . 11.73 2.65 -5.40
O16 EVB D . 11.08 4.80 -4.58
O17 EVB D . 10.14 3.99 -6.69
O18 EVB D . 8.14 6.89 2.80
O19 EVB D . 9.14 7.17 0.66
O20 EVB D . 10.00 5.48 2.20
O21 EVB D . 6.67 0.23 3.43
O22 EVB D . 4.77 -0.76 4.59
O23 EVB D . 6.01 1.15 5.52
O24 EVB D . 1.84 3.70 8.89
O25 EVB D . 0.16 5.35 9.42
O26 EVB D . 2.22 6.02 8.41
O27 EVB D . -0.02 11.67 5.06
O28 EVB D . -1.96 12.40 3.79
O29 EVB D . 0.23 12.49 2.78
O30 EVB D . 2.37 9.57 -4.67
O31 EVB D . 0.82 11.14 -3.74
O32 EVB D . 3.02 10.78 -2.69
#